data_2M90
#
_entry.id   2M90
#
_entity_poly.entity_id   1
_entity_poly.type   'polydeoxyribonucleotide'
_entity_poly.pdbx_seq_one_letter_code
;(DG)(DC)(DG)(DC)(DG)(DA)(DA)(DG)(DC)(DA)(DT)(DT)(DC)(DG)(DC)(DG)(DG)(DG)(DG)(DA)
(DG)(DG)(DT)(DG)(DG)(DG)(DG)(DA)(DA)(DG)(DG)(DG)
;
_entity_poly.pdbx_strand_id   A
#